data_1RFG
#
_entry.id   1RFG
#
_cell.length_a   139.380
_cell.length_b   139.380
_cell.length_c   160.400
_cell.angle_alpha   90.00
_cell.angle_beta   90.00
_cell.angle_gamma   120.00
#
_symmetry.space_group_name_H-M   'H 3 2'
#
loop_
_entity.id
_entity.type
_entity.pdbx_description
1 polymer 'Purine nucleoside phosphorylase'
2 non-polymer 'SULFATE ION'
3 non-polymer GUANOSINE
4 water water
#
_entity_poly.entity_id   1
_entity_poly.type   'polypeptide(L)'
_entity_poly.pdbx_seq_one_letter_code
;ENGYTYEDYKNTAEWLLSHTKHRPQVAIICGSGLGGLTDKLTQAQIFDYSEIPNFPRSTVPGHAGRLVFGFLNGRACVMM
QGRFHMYEGYPLWKVTFPVRVFHLLGVDTLVVTNAAGGLNPKFEVGDIMLIRDHINLPGFSGQNPLRGPNDERFGDRFPA
MSDAYDRTMRQRALSTWKQMGEQRELQEGTYVMVAGPSFETVAECRVLQKLGADAVGMSTVPEVIVARHCGLRVFGFSLI
TNKVIMDYESLEKANHEEVLAAGKQAAQKLEQFVSILMASIPLPDKAS
;
_entity_poly.pdbx_strand_id   E
#
loop_
_chem_comp.id
_chem_comp.type
_chem_comp.name
_chem_comp.formula
GMP non-polymer GUANOSINE 'C10 H13 N5 O5'
SO4 non-polymer 'SULFATE ION' 'O4 S -2'
#
# COMPACT_ATOMS: atom_id res chain seq x y z
N GLU A 1 15.87 -5.11 -6.02
CA GLU A 1 17.24 -5.65 -6.22
C GLU A 1 17.32 -7.11 -6.67
N ASN A 2 18.39 -7.80 -6.27
CA ASN A 2 18.73 -9.21 -6.61
C ASN A 2 17.64 -9.93 -7.38
N GLY A 3 18.01 -10.78 -8.31
CA GLY A 3 16.99 -11.46 -9.07
C GLY A 3 16.52 -10.60 -10.23
N TYR A 4 16.14 -9.36 -10.00
CA TYR A 4 15.73 -8.55 -11.14
C TYR A 4 16.84 -7.61 -11.53
N THR A 5 17.18 -7.56 -12.81
CA THR A 5 18.22 -6.64 -13.29
C THR A 5 17.49 -5.38 -13.70
N TYR A 6 18.15 -4.22 -13.74
CA TYR A 6 17.40 -3.03 -14.15
C TYR A 6 16.57 -3.28 -15.41
N GLU A 7 17.13 -3.91 -16.42
CA GLU A 7 16.38 -4.16 -17.64
C GLU A 7 15.20 -5.11 -17.54
N ASP A 8 15.10 -5.85 -16.44
CA ASP A 8 13.98 -6.77 -16.21
C ASP A 8 12.77 -5.86 -16.12
N TYR A 9 12.92 -4.81 -15.30
CA TYR A 9 11.86 -3.83 -15.08
C TYR A 9 11.55 -3.13 -16.38
N LYS A 10 12.58 -2.69 -17.09
CA LYS A 10 12.39 -1.99 -18.36
C LYS A 10 11.46 -2.85 -19.20
N ASN A 11 11.88 -4.08 -19.49
CA ASN A 11 11.05 -5.01 -20.27
C ASN A 11 9.62 -5.16 -19.80
N THR A 12 9.43 -5.32 -18.51
CA THR A 12 8.09 -5.47 -18.01
C THR A 12 7.31 -4.19 -18.23
N ALA A 13 7.99 -3.04 -18.12
CA ALA A 13 7.37 -1.71 -18.29
C ALA A 13 6.94 -1.54 -19.73
N GLU A 14 7.89 -1.71 -20.65
CA GLU A 14 7.64 -1.60 -22.08
C GLU A 14 6.49 -2.54 -22.48
N TRP A 15 6.58 -3.82 -22.14
CA TRP A 15 5.53 -4.79 -22.47
C TRP A 15 4.22 -4.19 -22.07
N LEU A 16 4.09 -3.87 -20.80
CA LEU A 16 2.85 -3.31 -20.32
C LEU A 16 2.47 -2.11 -21.19
N LEU A 17 3.39 -1.18 -21.37
CA LEU A 17 3.09 0.01 -22.14
C LEU A 17 2.58 -0.39 -23.48
N SER A 18 3.23 -1.36 -24.11
CA SER A 18 2.80 -1.79 -25.41
C SER A 18 1.73 -2.88 -25.28
N HIS A 19 0.85 -2.75 -24.30
CA HIS A 19 -0.23 -3.73 -24.13
C HIS A 19 -1.47 -3.10 -23.55
N THR A 20 -1.31 -1.89 -23.07
CA THR A 20 -2.43 -1.17 -22.53
C THR A 20 -2.18 0.13 -23.28
N LYS A 21 -3.25 0.81 -23.70
CA LYS A 21 -3.05 2.09 -24.38
C LYS A 21 -2.92 3.13 -23.26
N HIS A 22 -3.17 2.65 -22.05
CA HIS A 22 -3.16 3.44 -20.84
C HIS A 22 -1.76 3.81 -20.35
N ARG A 23 -1.65 5.02 -19.83
CA ARG A 23 -0.42 5.52 -19.26
C ARG A 23 -0.92 5.95 -17.89
N PRO A 24 -0.60 5.18 -16.85
CA PRO A 24 -1.06 5.52 -15.50
C PRO A 24 -0.28 6.67 -14.92
N GLN A 25 -0.87 7.35 -13.94
CA GLN A 25 -0.20 8.45 -13.26
C GLN A 25 -0.24 8.09 -11.80
N VAL A 26 -1.23 7.34 -11.39
CA VAL A 26 -1.34 6.94 -10.00
C VAL A 26 -1.40 5.43 -9.86
N ALA A 27 -0.48 4.83 -9.10
CA ALA A 27 -0.50 3.39 -8.88
C ALA A 27 -1.21 3.22 -7.57
N ILE A 28 -2.19 2.32 -7.50
CA ILE A 28 -2.95 2.10 -6.26
C ILE A 28 -2.86 0.62 -5.85
N ILE A 29 -2.18 0.34 -4.75
CA ILE A 29 -2.01 -1.02 -4.30
C ILE A 29 -3.09 -1.29 -3.28
N CYS A 30 -4.15 -1.94 -3.74
CA CYS A 30 -5.29 -2.21 -2.87
C CYS A 30 -4.92 -3.20 -1.79
N GLY A 31 -5.18 -2.84 -0.55
CA GLY A 31 -4.84 -3.73 0.54
C GLY A 31 -5.97 -4.68 0.74
N SER A 32 -5.78 -5.70 1.55
CA SER A 32 -6.79 -6.71 1.82
C SER A 32 -8.18 -6.15 1.97
N GLY A 33 -9.11 -6.63 1.15
CA GLY A 33 -10.50 -6.21 1.24
C GLY A 33 -10.91 -4.92 0.58
N LEU A 34 -9.93 -4.12 0.20
CA LEU A 34 -10.16 -2.85 -0.48
C LEU A 34 -9.79 -3.05 -1.95
N GLY A 35 -9.74 -4.31 -2.36
CA GLY A 35 -9.40 -4.62 -3.74
C GLY A 35 -10.56 -4.28 -4.63
N GLY A 36 -11.75 -4.28 -4.04
CA GLY A 36 -12.96 -3.96 -4.77
C GLY A 36 -12.86 -2.55 -5.36
N LEU A 37 -11.96 -1.74 -4.80
CA LEU A 37 -11.74 -0.39 -5.26
C LEU A 37 -11.59 -0.45 -6.76
N THR A 38 -11.16 -1.60 -7.27
CA THR A 38 -11.02 -1.78 -8.69
C THR A 38 -12.33 -1.46 -9.41
N ASP A 39 -13.44 -1.98 -8.90
CA ASP A 39 -14.74 -1.76 -9.50
C ASP A 39 -15.06 -0.34 -9.94
N LYS A 40 -14.40 0.65 -9.34
CA LYS A 40 -14.62 2.06 -9.63
C LYS A 40 -13.93 2.56 -10.88
N LEU A 41 -13.24 1.68 -11.60
CA LEU A 41 -12.53 2.12 -12.79
C LEU A 41 -13.40 2.29 -14.05
N THR A 42 -12.78 2.86 -15.08
CA THR A 42 -13.43 3.06 -16.36
C THR A 42 -12.29 2.93 -17.37
N GLN A 43 -12.54 2.21 -18.45
CA GLN A 43 -11.52 1.91 -19.46
C GLN A 43 -10.57 0.89 -18.82
N ALA A 44 -11.08 0.21 -17.79
CA ALA A 44 -10.34 -0.79 -17.03
C ALA A 44 -9.82 -1.81 -17.97
N GLN A 45 -8.52 -2.07 -17.88
CA GLN A 45 -7.90 -3.07 -18.71
C GLN A 45 -7.18 -3.90 -17.69
N ILE A 46 -7.58 -5.15 -17.60
CA ILE A 46 -7.03 -6.06 -16.62
C ILE A 46 -5.84 -6.86 -17.11
N PHE A 47 -4.88 -7.11 -16.23
CA PHE A 47 -3.73 -7.93 -16.58
C PHE A 47 -3.55 -8.85 -15.43
N ASP A 48 -3.40 -10.15 -15.67
CA ASP A 48 -3.20 -11.06 -14.56
C ASP A 48 -1.68 -10.95 -14.35
N TYR A 49 -1.24 -10.92 -13.09
CA TYR A 49 0.19 -10.79 -12.81
C TYR A 49 0.92 -11.81 -13.64
N SER A 50 0.34 -12.99 -13.66
CA SER A 50 0.88 -14.10 -14.35
C SER A 50 1.19 -13.84 -15.84
N GLU A 51 0.30 -13.13 -16.52
CA GLU A 51 0.50 -12.82 -17.95
C GLU A 51 1.62 -11.83 -18.17
N ILE A 52 1.75 -10.88 -17.25
CA ILE A 52 2.77 -9.84 -17.35
C ILE A 52 4.15 -10.40 -17.14
N PRO A 53 5.04 -10.24 -18.12
CA PRO A 53 6.39 -10.77 -17.94
C PRO A 53 7.13 -10.32 -16.65
N ASN A 54 7.95 -11.21 -16.09
CA ASN A 54 8.72 -10.96 -14.86
C ASN A 54 7.92 -10.67 -13.59
N PHE A 55 6.63 -10.41 -13.70
CA PHE A 55 5.79 -10.08 -12.54
C PHE A 55 5.55 -11.27 -11.62
N PRO A 56 5.77 -11.10 -10.30
CA PRO A 56 5.56 -12.21 -9.37
C PRO A 56 4.14 -12.77 -9.43
N ARG A 57 3.98 -14.00 -9.91
CA ARG A 57 2.66 -14.64 -9.98
C ARG A 57 2.14 -14.80 -8.55
N SER A 58 0.84 -14.65 -8.34
CA SER A 58 0.31 -14.76 -6.98
C SER A 58 0.44 -16.18 -6.40
N THR A 59 0.63 -16.31 -5.08
CA THR A 59 0.71 -17.67 -4.55
C THR A 59 -0.72 -18.12 -4.31
N VAL A 60 -0.89 -19.01 -3.33
CA VAL A 60 -2.19 -19.56 -3.00
C VAL A 60 -3.38 -18.65 -3.35
N PRO A 61 -3.32 -17.37 -2.94
CA PRO A 61 -4.49 -16.53 -3.30
C PRO A 61 -4.72 -16.56 -4.82
N GLY A 62 -3.96 -15.78 -5.56
CA GLY A 62 -4.15 -15.76 -7.01
C GLY A 62 -5.46 -15.08 -7.31
N HIS A 63 -6.54 -15.66 -6.77
CA HIS A 63 -7.87 -15.10 -6.91
C HIS A 63 -7.56 -13.62 -6.57
N ALA A 64 -7.95 -12.73 -7.49
CA ALA A 64 -7.73 -11.30 -7.38
C ALA A 64 -6.22 -11.02 -7.49
N GLY A 65 -5.54 -11.72 -8.40
CA GLY A 65 -4.13 -11.48 -8.61
C GLY A 65 -4.06 -10.80 -9.95
N ARG A 66 -4.58 -9.58 -10.06
CA ARG A 66 -4.59 -8.88 -11.35
C ARG A 66 -4.20 -7.42 -11.18
N LEU A 67 -3.70 -6.83 -12.28
CA LEU A 67 -3.23 -5.46 -12.36
C LEU A 67 -4.24 -4.73 -13.24
N VAL A 68 -5.04 -3.87 -12.63
CA VAL A 68 -6.10 -3.17 -13.35
C VAL A 68 -5.84 -1.70 -13.67
N PHE A 69 -5.68 -1.37 -14.95
CA PHE A 69 -5.48 0.02 -15.34
C PHE A 69 -6.85 0.74 -15.49
N GLY A 70 -6.91 1.85 -16.23
CA GLY A 70 -8.19 2.50 -16.36
C GLY A 70 -8.16 3.84 -15.66
N PHE A 71 -9.31 4.36 -15.26
CA PHE A 71 -9.35 5.67 -14.60
C PHE A 71 -10.10 5.77 -13.29
N LEU A 72 -9.56 6.59 -12.40
CA LEU A 72 -10.23 6.81 -11.13
C LEU A 72 -10.42 8.31 -10.94
N ASN A 73 -11.68 8.69 -10.89
CA ASN A 73 -12.11 10.05 -10.69
C ASN A 73 -11.16 11.03 -11.32
N GLY A 74 -10.99 10.87 -12.62
CA GLY A 74 -10.13 11.75 -13.36
C GLY A 74 -8.63 11.59 -13.18
N ARG A 75 -8.16 10.34 -13.11
CA ARG A 75 -6.73 10.01 -13.01
C ARG A 75 -6.51 8.74 -13.77
N ALA A 76 -5.45 8.72 -14.58
CA ALA A 76 -5.13 7.52 -15.32
C ALA A 76 -4.49 6.63 -14.25
N CYS A 77 -5.19 5.58 -13.85
CA CYS A 77 -4.69 4.70 -12.82
C CYS A 77 -4.05 3.42 -13.31
N VAL A 78 -3.78 2.57 -12.31
CA VAL A 78 -3.24 1.22 -12.43
C VAL A 78 -3.30 0.71 -11.01
N MET A 79 -4.30 -0.10 -10.75
CA MET A 79 -4.48 -0.65 -9.43
C MET A 79 -3.84 -2.01 -9.39
N MET A 80 -3.40 -2.40 -8.22
CA MET A 80 -2.81 -3.69 -8.09
C MET A 80 -3.78 -4.29 -7.12
N GLN A 81 -4.50 -5.33 -7.54
CA GLN A 81 -5.48 -6.01 -6.70
C GLN A 81 -4.82 -7.24 -6.17
N GLY A 82 -4.57 -7.22 -4.87
CA GLY A 82 -3.90 -8.31 -4.20
C GLY A 82 -2.42 -8.02 -4.25
N ARG A 83 -1.86 -7.49 -3.18
CA ARG A 83 -0.46 -7.17 -3.17
C ARG A 83 0.33 -8.40 -2.83
N PHE A 84 1.64 -8.28 -2.78
CA PHE A 84 2.51 -9.41 -2.44
C PHE A 84 2.98 -9.10 -1.04
N HIS A 85 3.29 -10.15 -0.27
CA HIS A 85 3.76 -9.99 1.13
C HIS A 85 4.99 -10.86 1.38
N MET A 86 5.70 -10.55 2.46
CA MET A 86 6.88 -11.28 2.85
C MET A 86 6.47 -12.68 3.29
N TYR A 87 5.37 -12.77 4.05
CA TYR A 87 4.90 -14.06 4.55
C TYR A 87 4.48 -15.05 3.52
N GLU A 88 4.23 -14.60 2.31
CA GLU A 88 3.86 -15.55 1.31
C GLU A 88 5.17 -16.15 0.80
N GLY A 89 6.30 -15.58 1.18
CA GLY A 89 7.57 -16.11 0.72
C GLY A 89 8.31 -15.25 -0.31
N TYR A 90 7.63 -14.28 -0.87
CA TYR A 90 8.26 -13.42 -1.83
C TYR A 90 9.40 -12.67 -1.24
N PRO A 91 10.58 -12.74 -1.84
CA PRO A 91 11.72 -11.99 -1.33
C PRO A 91 11.26 -10.54 -1.50
N LEU A 92 11.62 -9.63 -0.61
CA LEU A 92 11.13 -8.26 -0.78
C LEU A 92 11.40 -7.58 -2.15
N TRP A 93 12.36 -8.07 -2.92
CA TRP A 93 12.63 -7.50 -4.21
C TRP A 93 11.59 -7.94 -5.20
N LYS A 94 10.71 -8.85 -4.79
CA LYS A 94 9.62 -9.34 -5.64
C LYS A 94 8.35 -8.67 -5.16
N VAL A 95 8.25 -8.50 -3.85
CA VAL A 95 7.13 -7.85 -3.23
C VAL A 95 7.01 -6.45 -3.83
N THR A 96 8.11 -5.74 -3.89
CA THR A 96 8.14 -4.40 -4.42
C THR A 96 8.41 -4.29 -5.90
N PHE A 97 8.62 -5.37 -6.62
CA PHE A 97 8.87 -5.29 -8.06
C PHE A 97 7.86 -4.37 -8.73
N PRO A 98 6.57 -4.54 -8.48
CA PRO A 98 5.56 -3.71 -9.08
C PRO A 98 5.84 -2.24 -8.96
N VAL A 99 6.22 -1.76 -7.79
CA VAL A 99 6.47 -0.34 -7.63
C VAL A 99 7.51 0.17 -8.61
N ARG A 100 8.54 -0.61 -8.86
CA ARG A 100 9.56 -0.19 -9.78
C ARG A 100 9.08 -0.21 -11.21
N VAL A 101 8.19 -1.14 -11.53
CA VAL A 101 7.66 -1.19 -12.89
C VAL A 101 6.77 0.01 -13.07
N PHE A 102 5.89 0.24 -12.10
CA PHE A 102 4.97 1.38 -12.10
C PHE A 102 5.70 2.65 -12.44
N HIS A 103 6.72 2.98 -11.65
CA HIS A 103 7.51 4.17 -11.90
C HIS A 103 7.93 4.17 -13.36
N LEU A 104 8.38 3.06 -13.90
CA LEU A 104 8.80 3.02 -15.30
C LEU A 104 7.60 3.13 -16.24
N LEU A 105 6.39 2.99 -15.70
CA LEU A 105 5.18 3.11 -16.50
C LEU A 105 4.77 4.55 -16.50
N GLY A 106 5.57 5.39 -15.85
CA GLY A 106 5.25 6.82 -15.74
C GLY A 106 4.62 7.21 -14.41
N VAL A 107 4.05 6.24 -13.70
CA VAL A 107 3.42 6.44 -12.41
C VAL A 107 4.26 7.36 -11.53
N ASP A 108 3.70 8.48 -11.08
CA ASP A 108 4.48 9.36 -10.22
C ASP A 108 3.91 9.46 -8.81
N THR A 109 2.85 8.73 -8.54
CA THR A 109 2.30 8.80 -7.22
C THR A 109 1.82 7.42 -6.90
N LEU A 110 1.98 7.01 -5.65
CA LEU A 110 1.53 5.71 -5.25
C LEU A 110 0.72 5.79 -4.01
N VAL A 111 -0.54 5.41 -4.08
CA VAL A 111 -1.39 5.39 -2.90
C VAL A 111 -1.39 3.90 -2.50
N VAL A 112 -0.93 3.59 -1.28
CA VAL A 112 -0.86 2.23 -0.77
C VAL A 112 -1.87 2.06 0.32
N THR A 113 -2.64 0.98 0.27
CA THR A 113 -3.62 0.73 1.31
C THR A 113 -3.29 -0.62 1.95
N ASN A 114 -3.89 -0.88 3.11
CA ASN A 114 -3.71 -2.14 3.83
C ASN A 114 -4.74 -2.28 4.92
N ALA A 115 -4.81 -3.45 5.52
CA ALA A 115 -5.73 -3.74 6.60
C ALA A 115 -4.72 -3.99 7.69
N ALA A 116 -4.95 -3.45 8.88
CA ALA A 116 -4.00 -3.58 9.95
C ALA A 116 -4.70 -3.52 11.29
N GLY A 117 -4.06 -4.06 12.32
CA GLY A 117 -4.62 -4.10 13.65
C GLY A 117 -4.52 -2.77 14.35
N GLY A 118 -5.39 -2.53 15.31
CA GLY A 118 -5.40 -1.27 16.04
C GLY A 118 -4.56 -1.38 17.30
N LEU A 119 -3.51 -0.59 17.38
CA LEU A 119 -2.65 -0.64 18.55
C LEU A 119 -3.08 0.49 19.44
N ASN A 120 -3.37 1.62 18.82
CA ASN A 120 -3.82 2.77 19.58
C ASN A 120 -5.25 2.48 19.97
N PRO A 121 -5.50 2.37 21.28
CA PRO A 121 -6.79 2.09 21.93
C PRO A 121 -7.94 2.92 21.43
N LYS A 122 -7.64 4.17 21.14
CA LYS A 122 -8.62 5.09 20.65
C LYS A 122 -9.13 4.64 19.30
N PHE A 123 -8.31 3.89 18.55
CA PHE A 123 -8.76 3.41 17.24
C PHE A 123 -9.97 2.51 17.53
N GLU A 124 -11.03 2.67 16.75
CA GLU A 124 -12.23 1.84 16.88
C GLU A 124 -12.07 1.00 15.63
N VAL A 125 -12.41 -0.29 15.71
CA VAL A 125 -12.31 -1.14 14.54
C VAL A 125 -13.18 -0.50 13.52
N GLY A 126 -12.82 -0.53 12.25
CA GLY A 126 -13.63 0.12 11.23
C GLY A 126 -12.99 1.40 10.73
N ASP A 127 -12.23 2.06 11.61
CA ASP A 127 -11.54 3.29 11.27
C ASP A 127 -10.69 3.25 10.00
N ILE A 128 -10.09 4.38 9.68
CA ILE A 128 -9.22 4.45 8.52
C ILE A 128 -8.08 5.35 8.96
N MET A 129 -6.88 4.78 9.01
CA MET A 129 -5.69 5.51 9.43
C MET A 129 -4.84 6.00 8.30
N LEU A 130 -4.76 7.32 8.21
CA LEU A 130 -3.95 7.96 7.20
C LEU A 130 -2.53 7.63 7.71
N ILE A 131 -1.67 7.02 6.92
CA ILE A 131 -0.33 6.68 7.40
C ILE A 131 0.57 7.92 7.37
N ARG A 132 1.02 8.33 8.56
CA ARG A 132 1.88 9.48 8.72
C ARG A 132 3.35 9.08 8.81
N ASP A 133 3.60 7.84 9.18
CA ASP A 133 4.96 7.31 9.31
C ASP A 133 4.90 5.83 9.57
N HIS A 134 6.00 5.15 9.31
CA HIS A 134 6.08 3.71 9.49
C HIS A 134 7.31 3.37 10.31
N ILE A 135 7.28 2.20 10.95
CA ILE A 135 8.40 1.68 11.74
C ILE A 135 8.73 0.39 10.99
N ASN A 136 9.84 0.36 10.27
CA ASN A 136 10.17 -0.80 9.47
C ASN A 136 10.89 -1.88 10.26
N LEU A 137 10.15 -2.70 10.98
CA LEU A 137 10.73 -3.74 11.80
C LEU A 137 11.56 -4.77 11.04
N PRO A 138 11.01 -5.36 9.97
CA PRO A 138 11.83 -6.32 9.25
C PRO A 138 13.01 -5.65 8.56
N GLY A 139 13.02 -4.35 8.48
CA GLY A 139 14.14 -3.67 7.83
C GLY A 139 15.29 -3.42 8.78
N PHE A 140 14.96 -3.20 10.05
CA PHE A 140 15.96 -2.98 11.06
C PHE A 140 16.89 -4.17 10.98
N SER A 141 16.31 -5.34 10.75
CA SER A 141 17.09 -6.57 10.66
C SER A 141 17.63 -6.96 9.33
N GLY A 142 17.52 -6.08 8.35
CA GLY A 142 18.07 -6.36 7.05
C GLY A 142 17.07 -6.49 5.95
N GLN A 143 15.84 -6.81 6.31
CA GLN A 143 14.78 -6.99 5.31
C GLN A 143 14.24 -5.70 4.83
N ASN A 144 15.07 -5.05 4.01
CA ASN A 144 14.76 -3.78 3.38
C ASN A 144 14.71 -4.17 1.93
N PRO A 145 13.75 -3.63 1.19
CA PRO A 145 13.62 -3.96 -0.22
C PRO A 145 14.71 -3.36 -1.05
N LEU A 146 15.52 -2.50 -0.44
CA LEU A 146 16.61 -1.81 -1.12
C LEU A 146 17.97 -2.46 -0.96
N ARG A 147 18.06 -3.53 -0.19
CA ARG A 147 19.31 -4.24 0.05
C ARG A 147 19.87 -4.75 -1.26
N GLY A 148 21.18 -4.68 -1.38
CA GLY A 148 21.80 -5.11 -2.60
C GLY A 148 22.39 -3.87 -3.25
N PRO A 149 23.10 -4.07 -4.36
CA PRO A 149 23.68 -2.94 -5.05
C PRO A 149 22.57 -1.98 -5.49
N ASN A 150 22.78 -0.69 -5.29
CA ASN A 150 21.77 0.32 -5.64
C ASN A 150 21.92 0.74 -7.07
N ASP A 151 20.80 0.96 -7.74
CA ASP A 151 20.84 1.38 -9.13
C ASP A 151 20.54 2.85 -9.20
N GLU A 152 21.56 3.68 -9.40
CA GLU A 152 21.34 5.11 -9.43
C GLU A 152 20.21 5.48 -10.42
N ARG A 153 19.87 4.58 -11.35
CA ARG A 153 18.82 4.86 -12.32
C ARG A 153 17.41 4.84 -11.74
N PHE A 154 17.32 4.36 -10.51
CA PHE A 154 16.08 4.32 -9.80
C PHE A 154 16.31 5.28 -8.66
N GLY A 155 17.50 5.27 -8.08
CA GLY A 155 17.70 6.20 -6.99
C GLY A 155 19.01 6.18 -6.25
N ASP A 156 19.00 6.80 -5.08
CA ASP A 156 20.20 6.88 -4.29
C ASP A 156 20.33 5.69 -3.37
N ARG A 157 21.57 5.39 -2.99
CA ARG A 157 21.95 4.30 -2.12
C ARG A 157 21.27 4.38 -0.77
N PHE A 158 21.31 5.57 -0.17
CA PHE A 158 20.73 5.76 1.14
C PHE A 158 19.58 6.78 1.05
N PRO A 159 18.49 6.42 0.36
CA PRO A 159 17.41 7.39 0.30
C PRO A 159 16.86 7.60 1.67
N ALA A 160 16.18 8.72 1.87
CA ALA A 160 15.62 9.02 3.16
C ALA A 160 14.12 8.84 3.20
N MET A 161 13.64 8.24 4.29
CA MET A 161 12.21 7.99 4.49
C MET A 161 11.61 8.97 5.50
N SER A 162 12.47 9.72 6.18
CA SER A 162 12.06 10.70 7.19
C SER A 162 10.72 11.28 6.78
N ASP A 163 10.60 11.52 5.47
CA ASP A 163 9.45 12.09 4.81
C ASP A 163 8.81 11.11 3.85
N ALA A 164 8.55 9.88 4.25
CA ALA A 164 7.98 8.96 3.30
C ALA A 164 6.64 9.40 2.76
N TYR A 165 5.66 9.40 3.62
CA TYR A 165 4.30 9.73 3.24
C TYR A 165 4.11 11.23 3.04
N ASP A 166 3.90 11.57 1.78
CA ASP A 166 3.66 12.94 1.40
C ASP A 166 2.78 13.69 2.40
N ARG A 167 3.31 14.81 2.88
CA ARG A 167 2.62 15.69 3.83
C ARG A 167 1.39 16.40 3.27
N THR A 168 1.47 16.80 2.00
CA THR A 168 0.36 17.48 1.34
C THR A 168 -0.86 16.58 1.34
N MET A 169 -0.74 15.47 0.61
CA MET A 169 -1.80 14.51 0.50
C MET A 169 -2.34 14.21 1.90
N ARG A 170 -1.48 14.28 2.92
CA ARG A 170 -1.97 14.06 4.27
C ARG A 170 -2.97 15.19 4.58
N GLN A 171 -2.60 16.43 4.29
CA GLN A 171 -3.51 17.55 4.54
C GLN A 171 -4.71 17.32 3.61
N ARG A 172 -4.43 17.32 2.31
CA ARG A 172 -5.42 17.13 1.27
C ARG A 172 -6.37 15.97 1.51
N ALA A 173 -6.17 15.23 2.59
CA ALA A 173 -7.03 14.12 2.89
C ALA A 173 -7.66 14.36 4.25
N LEU A 174 -6.91 14.97 5.17
CA LEU A 174 -7.47 15.24 6.49
C LEU A 174 -8.62 16.17 6.17
N SER A 175 -8.33 17.09 5.26
CA SER A 175 -9.35 18.02 4.83
C SER A 175 -10.41 17.28 4.00
N THR A 176 -10.07 16.59 2.91
CA THR A 176 -11.11 15.88 2.14
C THR A 176 -12.04 15.04 3.01
N TRP A 177 -11.54 14.45 4.07
CA TRP A 177 -12.38 13.61 4.92
C TRP A 177 -13.46 14.53 5.46
N LYS A 178 -13.03 15.74 5.78
CA LYS A 178 -13.87 16.81 6.31
C LYS A 178 -14.75 17.39 5.19
N GLN A 179 -14.15 17.96 4.15
CA GLN A 179 -14.94 18.53 3.06
C GLN A 179 -16.07 17.57 2.68
N MET A 180 -15.83 16.28 2.86
CA MET A 180 -16.85 15.29 2.56
C MET A 180 -17.88 15.20 3.71
N GLY A 181 -17.44 15.47 4.92
CA GLY A 181 -18.36 15.45 6.05
C GLY A 181 -18.57 14.03 6.49
N GLU A 182 -17.50 13.46 7.07
CA GLU A 182 -17.54 12.05 7.48
C GLU A 182 -17.66 11.69 8.95
N GLN A 183 -17.94 12.68 9.79
CA GLN A 183 -18.07 12.44 11.22
C GLN A 183 -16.68 12.33 11.88
N ARG A 184 -16.25 11.07 12.13
CA ARG A 184 -14.95 10.84 12.78
C ARG A 184 -13.78 11.10 11.82
N GLU A 185 -13.11 12.23 12.01
CA GLU A 185 -11.97 12.63 11.16
C GLU A 185 -11.09 11.41 10.86
N LEU A 186 -10.54 11.36 9.66
CA LEU A 186 -9.71 10.21 9.33
C LEU A 186 -8.55 10.27 10.28
N GLN A 187 -8.34 9.14 10.94
CA GLN A 187 -7.28 9.00 11.92
C GLN A 187 -5.89 9.16 11.31
N GLU A 188 -4.89 9.10 12.17
CA GLU A 188 -3.52 9.20 11.74
C GLU A 188 -2.63 8.47 12.73
N GLY A 189 -1.64 7.77 12.22
CA GLY A 189 -0.76 7.02 13.10
C GLY A 189 0.41 6.41 12.36
N THR A 190 1.30 5.79 13.12
CA THR A 190 2.49 5.15 12.59
C THR A 190 2.13 3.72 12.30
N TYR A 191 2.36 3.30 11.08
CA TYR A 191 2.06 1.95 10.68
C TYR A 191 3.30 1.11 10.92
N VAL A 192 3.21 0.04 11.70
CA VAL A 192 4.38 -0.80 11.87
C VAL A 192 4.27 -2.08 11.05
N MET A 193 5.14 -2.32 10.10
CA MET A 193 5.10 -3.57 9.36
C MET A 193 5.64 -4.59 10.34
N VAL A 194 5.21 -5.83 10.21
CA VAL A 194 5.65 -6.92 11.06
C VAL A 194 5.42 -8.07 10.10
N ALA A 195 6.41 -8.92 9.82
CA ALA A 195 6.15 -10.03 8.90
C ALA A 195 5.51 -11.24 9.59
N GLY A 196 5.92 -12.45 9.19
CA GLY A 196 5.39 -13.66 9.80
C GLY A 196 3.93 -13.71 9.46
N PRO A 197 3.34 -14.86 9.13
CA PRO A 197 1.94 -14.76 8.82
C PRO A 197 1.05 -14.85 10.04
N SER A 198 1.59 -15.24 11.18
CA SER A 198 0.80 -15.37 12.39
C SER A 198 0.49 -14.03 13.02
N PHE A 199 -0.44 -13.96 13.95
CA PHE A 199 -0.81 -12.69 14.56
C PHE A 199 -0.13 -12.39 15.90
N GLU A 200 -0.07 -11.14 16.28
CA GLU A 200 0.59 -10.72 17.51
C GLU A 200 0.10 -11.33 18.83
N THR A 201 1.03 -11.65 19.74
CA THR A 201 0.63 -12.17 21.04
C THR A 201 0.35 -10.90 21.82
N VAL A 202 -0.20 -11.00 23.02
CA VAL A 202 -0.47 -9.81 23.82
C VAL A 202 0.85 -9.16 24.17
N ALA A 203 1.90 -9.97 24.26
CA ALA A 203 3.23 -9.48 24.62
C ALA A 203 3.89 -8.75 23.48
N GLU A 204 3.63 -9.16 22.26
CA GLU A 204 4.22 -8.50 21.11
C GLU A 204 3.42 -7.24 20.86
N CYS A 205 2.12 -7.36 21.04
CA CYS A 205 1.18 -6.25 20.87
C CYS A 205 1.63 -5.06 21.70
N ARG A 206 2.16 -5.30 22.91
CA ARG A 206 2.66 -4.23 23.78
C ARG A 206 4.07 -3.68 23.42
N VAL A 207 4.94 -4.44 22.74
CA VAL A 207 6.20 -3.83 22.41
C VAL A 207 5.90 -2.94 21.24
N LEU A 208 4.90 -3.33 20.43
CA LEU A 208 4.51 -2.51 19.27
C LEU A 208 3.95 -1.19 19.76
N GLN A 209 3.08 -1.23 20.78
CA GLN A 209 2.52 0.01 21.31
C GLN A 209 3.70 0.84 21.82
N LYS A 210 4.55 0.22 22.63
CA LYS A 210 5.73 0.87 23.23
C LYS A 210 6.65 1.51 22.21
N LEU A 211 6.94 0.81 21.13
CA LEU A 211 7.81 1.34 20.10
C LEU A 211 7.17 2.57 19.45
N GLY A 212 5.89 2.80 19.71
CA GLY A 212 5.20 3.94 19.15
C GLY A 212 4.23 3.68 18.01
N ALA A 213 4.15 2.45 17.49
CA ALA A 213 3.23 2.18 16.39
C ALA A 213 1.76 2.31 16.78
N ASP A 214 0.92 2.75 15.86
CA ASP A 214 -0.50 2.86 16.14
C ASP A 214 -1.32 1.79 15.44
N ALA A 215 -0.81 1.24 14.34
CA ALA A 215 -1.47 0.18 13.59
C ALA A 215 -0.41 -0.84 13.23
N VAL A 216 -0.74 -2.13 13.22
CA VAL A 216 0.20 -3.21 12.91
C VAL A 216 -0.16 -4.02 11.68
N GLY A 217 0.68 -4.01 10.65
CA GLY A 217 0.35 -4.76 9.45
C GLY A 217 1.52 -5.56 8.94
N MET A 218 1.33 -6.30 7.86
CA MET A 218 2.38 -7.15 7.31
C MET A 218 2.81 -6.81 5.89
N SER A 219 2.71 -5.54 5.49
CA SER A 219 3.10 -5.11 4.16
C SER A 219 3.17 -3.60 4.05
N THR A 220 3.01 -3.07 2.85
CA THR A 220 3.06 -1.64 2.57
C THR A 220 4.48 -1.09 2.66
N VAL A 221 5.04 -1.11 3.87
CA VAL A 221 6.38 -0.59 4.12
C VAL A 221 7.43 -0.88 3.04
N PRO A 222 7.53 -2.11 2.51
CA PRO A 222 8.55 -2.28 1.48
C PRO A 222 8.17 -1.47 0.24
N GLU A 223 6.87 -1.40 -0.09
CA GLU A 223 6.42 -0.63 -1.25
C GLU A 223 6.63 0.85 -1.08
N VAL A 224 6.38 1.36 0.12
CA VAL A 224 6.63 2.79 0.37
C VAL A 224 8.11 3.01 0.12
N ILE A 225 8.97 2.13 0.67
CA ILE A 225 10.41 2.28 0.49
C ILE A 225 10.92 2.36 -0.94
N VAL A 226 10.60 1.39 -1.80
CA VAL A 226 11.13 1.47 -3.16
C VAL A 226 10.46 2.54 -4.00
N ALA A 227 9.32 3.05 -3.53
CA ALA A 227 8.57 4.10 -4.20
C ALA A 227 9.32 5.38 -3.90
N ARG A 228 9.55 5.64 -2.62
CA ARG A 228 10.30 6.82 -2.23
C ARG A 228 11.65 6.81 -2.91
N HIS A 229 12.26 5.65 -3.00
CA HIS A 229 13.56 5.55 -3.65
C HIS A 229 13.54 6.03 -5.10
N CYS A 230 12.40 5.82 -5.76
CA CYS A 230 12.20 6.20 -7.15
C CYS A 230 11.73 7.63 -7.26
N GLY A 231 11.21 8.15 -6.17
CA GLY A 231 10.71 9.50 -6.18
C GLY A 231 9.19 9.55 -6.09
N LEU A 232 8.50 8.44 -6.30
CA LEU A 232 7.07 8.45 -6.24
C LEU A 232 6.57 9.20 -5.03
N ARG A 233 5.61 10.10 -5.21
CA ARG A 233 5.00 10.81 -4.09
C ARG A 233 4.19 9.69 -3.49
N VAL A 234 4.06 9.62 -2.18
CA VAL A 234 3.35 8.48 -1.63
C VAL A 234 2.49 8.85 -0.47
N PHE A 235 1.27 8.34 -0.45
CA PHE A 235 0.38 8.51 0.71
C PHE A 235 -0.42 7.22 0.77
N GLY A 236 -0.84 6.81 1.96
CA GLY A 236 -1.60 5.58 2.07
C GLY A 236 -2.46 5.54 3.30
N PHE A 237 -3.43 4.64 3.33
CA PHE A 237 -4.34 4.52 4.46
C PHE A 237 -4.14 3.18 5.07
N SER A 238 -4.93 2.85 6.08
CA SER A 238 -4.80 1.60 6.76
C SER A 238 -6.15 1.38 7.41
N LEU A 239 -6.91 0.39 6.94
CA LEU A 239 -8.22 0.08 7.49
C LEU A 239 -8.07 -0.71 8.77
N ILE A 240 -8.24 -0.08 9.92
CA ILE A 240 -8.11 -0.80 11.19
C ILE A 240 -9.21 -1.85 11.31
N THR A 241 -8.91 -3.04 10.84
CA THR A 241 -9.84 -4.18 10.87
C THR A 241 -10.11 -4.79 12.22
N ASN A 242 -9.26 -4.50 13.18
CA ASN A 242 -9.45 -5.09 14.47
C ASN A 242 -8.61 -4.40 15.49
N LYS A 243 -8.82 -4.74 16.76
CA LYS A 243 -8.09 -4.14 17.86
C LYS A 243 -7.14 -5.18 18.41
N VAL A 244 -5.85 -4.89 18.36
CA VAL A 244 -4.91 -5.86 18.85
C VAL A 244 -5.00 -5.92 20.37
N ILE A 245 -5.24 -7.14 20.88
CA ILE A 245 -5.41 -7.42 22.30
C ILE A 245 -4.16 -7.04 23.06
N MET A 246 -4.18 -5.88 23.69
CA MET A 246 -3.03 -5.35 24.46
C MET A 246 -3.23 -5.81 25.90
N ASP A 247 -4.38 -6.45 26.18
CA ASP A 247 -4.75 -6.88 27.52
C ASP A 247 -4.70 -8.35 27.83
N TYR A 248 -4.20 -8.70 29.01
CA TYR A 248 -4.20 -10.11 29.36
C TYR A 248 -5.60 -10.61 29.67
N GLU A 249 -6.56 -9.71 29.94
CA GLU A 249 -7.94 -10.18 30.18
C GLU A 249 -8.36 -10.95 28.89
N SER A 250 -7.57 -10.70 27.84
CA SER A 250 -7.62 -11.32 26.49
C SER A 250 -8.95 -11.77 25.91
N LEU A 251 -9.26 -13.06 26.14
CA LEU A 251 -10.47 -13.74 25.61
C LEU A 251 -11.33 -13.02 24.53
N GLU A 252 -10.62 -12.68 23.45
CA GLU A 252 -11.16 -12.02 22.26
C GLU A 252 -10.10 -12.32 21.16
N LYS A 253 -10.38 -11.87 19.94
CA LYS A 253 -9.43 -12.12 18.86
C LYS A 253 -9.73 -11.26 17.62
N ALA A 254 -8.63 -10.86 16.97
CA ALA A 254 -8.62 -10.00 15.78
C ALA A 254 -8.38 -10.74 14.43
N ASN A 255 -8.26 -12.07 14.50
CA ASN A 255 -8.02 -12.92 13.35
C ASN A 255 -8.55 -12.43 11.99
N HIS A 256 -7.75 -12.75 10.96
CA HIS A 256 -8.03 -12.37 9.57
C HIS A 256 -9.39 -12.85 9.12
N GLU A 257 -9.73 -14.06 9.50
CA GLU A 257 -11.02 -14.56 9.03
C GLU A 257 -12.08 -13.48 9.40
N GLU A 258 -11.92 -12.91 10.58
CA GLU A 258 -12.83 -11.87 11.07
C GLU A 258 -12.59 -10.53 10.33
N VAL A 259 -12.00 -10.66 9.15
CA VAL A 259 -11.73 -9.52 8.28
C VAL A 259 -12.98 -8.62 8.27
N LEU A 260 -14.16 -9.27 8.10
CA LEU A 260 -15.52 -8.66 8.04
C LEU A 260 -15.48 -7.18 7.64
N ALA A 261 -14.94 -6.41 8.58
CA ALA A 261 -14.68 -5.00 8.46
C ALA A 261 -14.22 -4.79 7.02
N ALA A 262 -13.11 -5.46 6.65
CA ALA A 262 -12.59 -5.32 5.29
C ALA A 262 -13.56 -5.81 4.19
N GLY A 263 -14.78 -6.18 4.60
CA GLY A 263 -15.84 -6.61 3.67
C GLY A 263 -16.97 -5.56 3.78
N LYS A 264 -17.02 -4.90 4.94
CA LYS A 264 -18.02 -3.89 5.22
C LYS A 264 -17.94 -2.71 4.25
N GLN A 265 -18.92 -1.81 4.43
CA GLN A 265 -19.00 -0.58 3.66
C GLN A 265 -17.85 0.24 4.16
N ALA A 266 -17.10 -0.36 5.11
CA ALA A 266 -15.88 0.22 5.66
C ALA A 266 -14.96 0.19 4.42
N ALA A 267 -14.74 -1.00 3.90
CA ALA A 267 -13.92 -1.16 2.72
C ALA A 267 -14.44 -0.17 1.70
N GLN A 268 -15.74 -0.24 1.43
CA GLN A 268 -16.36 0.67 0.43
C GLN A 268 -16.09 2.15 0.74
N LYS A 269 -16.20 2.50 2.02
CA LYS A 269 -15.97 3.86 2.46
C LYS A 269 -14.57 4.25 2.02
N LEU A 270 -13.54 3.58 2.59
CA LEU A 270 -12.14 3.87 2.22
C LEU A 270 -11.97 3.83 0.70
N GLU A 271 -12.82 3.09 0.02
CA GLU A 271 -12.76 3.05 -1.42
C GLU A 271 -13.11 4.40 -2.05
N GLN A 272 -14.36 4.85 -1.86
CA GLN A 272 -14.82 6.13 -2.40
C GLN A 272 -13.89 7.23 -1.93
N PHE A 273 -13.42 7.11 -0.70
CA PHE A 273 -12.49 8.07 -0.12
C PHE A 273 -11.30 8.14 -1.06
N VAL A 274 -10.67 6.99 -1.28
CA VAL A 274 -9.52 6.92 -2.17
C VAL A 274 -9.87 7.42 -3.57
N SER A 275 -11.10 7.17 -4.00
CA SER A 275 -11.47 7.64 -5.33
C SER A 275 -11.67 9.15 -5.33
N ILE A 276 -12.01 9.75 -4.19
CA ILE A 276 -12.17 11.19 -4.19
C ILE A 276 -10.80 11.79 -4.31
N LEU A 277 -9.91 11.36 -3.41
CA LEU A 277 -8.55 11.87 -3.34
C LEU A 277 -7.90 12.01 -4.71
N MET A 278 -8.36 11.26 -5.69
CA MET A 278 -7.78 11.33 -7.04
C MET A 278 -7.64 12.75 -7.52
N ALA A 279 -8.69 13.53 -7.25
CA ALA A 279 -8.77 14.94 -7.62
C ALA A 279 -7.69 15.76 -6.92
N SER A 280 -7.29 15.32 -5.74
CA SER A 280 -6.26 16.01 -4.95
C SER A 280 -4.80 15.59 -5.24
N ILE A 281 -4.59 14.64 -6.13
CA ILE A 281 -3.23 14.24 -6.45
C ILE A 281 -2.84 15.21 -7.56
N PRO A 282 -1.64 15.77 -7.48
CA PRO A 282 -1.11 16.72 -8.44
C PRO A 282 -0.97 16.16 -9.85
N LEU A 283 -1.77 16.71 -10.76
CA LEU A 283 -1.73 16.29 -12.16
C LEU A 283 -0.41 16.76 -12.75
N PRO A 284 0.47 15.83 -13.19
CA PRO A 284 1.76 16.22 -13.77
C PRO A 284 1.59 17.39 -14.75
N ASP A 285 0.48 17.40 -15.49
CA ASP A 285 0.21 18.46 -16.45
C ASP A 285 0.19 19.81 -15.74
N LYS A 286 -0.59 19.87 -14.67
CA LYS A 286 -0.76 21.07 -13.84
C LYS A 286 -1.73 22.06 -14.45
N ALA A 287 -1.38 22.59 -15.63
CA ALA A 287 -2.14 23.63 -16.36
C ALA A 287 -1.99 25.00 -15.65
N SER A 288 -1.15 24.97 -14.61
CA SER A 288 -0.79 26.13 -13.79
C SER A 288 -1.88 26.54 -12.84
S SO4 B . 14.34 -14.01 1.37
O1 SO4 B . 12.93 -14.02 1.74
O2 SO4 B . 15.20 -14.17 2.59
O3 SO4 B . 14.78 -12.72 0.69
O4 SO4 B . 14.64 -15.10 0.33
S SO4 C . -9.69 -8.31 -2.22
O1 SO4 C . -9.97 -9.60 -2.97
O2 SO4 C . -8.97 -8.62 -0.90
O3 SO4 C . -11.02 -7.54 -1.88
O4 SO4 C . -8.85 -7.37 -3.16
S SO4 D . -2.71 -6.20 3.63
O1 SO4 D . -3.03 -7.53 3.22
O2 SO4 D . -1.87 -6.20 4.88
O3 SO4 D . -3.96 -5.39 3.87
O4 SO4 D . -2.02 -5.51 2.48
O5' GMP E . -6.40 -9.95 8.40
C5' GMP E . -5.07 -10.30 7.87
C4' GMP E . -4.47 -9.23 6.93
O4' GMP E . -4.85 -7.99 7.56
C3' GMP E . -2.93 -9.21 6.80
O3' GMP E . -2.46 -8.95 5.40
C2' GMP E . -2.42 -8.07 7.83
O2' GMP E . -1.59 -7.02 7.19
C1' GMP E . -3.70 -7.36 8.28
N9 GMP E . -4.02 -7.35 9.72
C8 GMP E . -5.29 -7.24 10.22
N7 GMP E . -5.27 -7.25 11.67
C5 GMP E . -3.91 -7.38 11.97
C6 GMP E . -3.35 -7.45 13.31
O6 GMP E . -3.96 -7.42 14.41
N1 GMP E . -1.96 -7.58 13.24
C2 GMP E . -1.20 -7.63 12.09
N2 GMP E . 0.23 -7.77 12.21
N3 GMP E . -1.79 -7.54 10.88
C4 GMP E . -3.13 -7.44 10.86
#